data_3CY1
#
_entry.id   3CY1
#
_cell.length_a   77.670
_cell.length_b   77.670
_cell.length_c   263.503
_cell.angle_alpha   90.00
_cell.angle_beta   90.00
_cell.angle_gamma   120.00
#
_symmetry.space_group_name_H-M   'P 65 2 2'
#
loop_
_entity.id
_entity.type
_entity.pdbx_description
1 polymer 'Cytochrome P450 121'
2 non-polymer 'SULFATE ION'
3 non-polymer 'PROTOPORPHYRIN IX CONTAINING FE'
4 water water
#
_entity_poly.entity_id   1
_entity_poly.type   'polypeptide(L)'
_entity_poly.pdbx_seq_one_letter_code
;MTATVLLEVPFSARGDRIPDAVAELRTREPIRKVRTITGAEAWLVSSYALCTQVLEDRRFSMKETAAAGAPRLNALTVPP
EVVNNMGNIADAGLRKAVMKAITPKAPGLEQFLRDTANSLLDNLITEGAPADLRNDFADPLATALHCKVLGIPQEDGPKL
FRSLSIAFMSSADPIPAAKINWDRDIEYMAGILENPNITTGLMGELSRLRKDPAYSHVSDELFATIGVTFFGAGVISTGS
FLTTALISLIQRPQLRNLLHEKPELIPAGVEELLRINLAFADGLPRLATADIQVGDVLVRKGELVLVLLEGANFDPEHFP
NPGSIELDRPNPTSHLAFGRGQHFCPGSALGRRHAQIGIEALLKKMPGVDLAVPIDQLVWRTRFQRRIPERLPVLW
;
_entity_poly.pdbx_strand_id   A
#
loop_
_chem_comp.id
_chem_comp.type
_chem_comp.name
_chem_comp.formula
HEM non-polymer 'PROTOPORPHYRIN IX CONTAINING FE' 'C34 H32 Fe N4 O4'
SO4 non-polymer 'SULFATE ION' 'O4 S -2'
#
# COMPACT_ATOMS: atom_id res chain seq x y z
C THR A 2 33.26 -7.08 -15.97
N ALA A 3 33.10 -6.42 -17.11
CA ALA A 3 31.80 -5.92 -17.55
C ALA A 3 30.65 -6.52 -16.73
N THR A 4 30.15 -5.71 -15.81
CA THR A 4 28.88 -5.95 -15.14
C THR A 4 27.87 -5.07 -15.86
N VAL A 5 26.60 -5.33 -15.60
CA VAL A 5 25.56 -4.44 -16.10
C VAL A 5 25.21 -3.37 -15.03
N LEU A 6 24.51 -2.32 -15.45
CA LEU A 6 23.99 -1.34 -14.50
C LEU A 6 23.10 -2.02 -13.48
N LEU A 7 23.26 -1.70 -12.20
CA LEU A 7 22.47 -2.28 -11.13
C LEU A 7 20.98 -2.26 -11.44
N GLU A 8 20.33 -3.41 -11.32
CA GLU A 8 18.94 -3.52 -11.64
C GLU A 8 18.05 -3.39 -10.40
N VAL A 9 16.89 -2.78 -10.56
CA VAL A 9 15.86 -2.81 -9.54
C VAL A 9 14.60 -3.49 -10.05
N PRO A 10 13.80 -4.05 -9.14
CA PRO A 10 14.05 -4.11 -7.70
C PRO A 10 15.09 -5.15 -7.28
N PHE A 11 15.60 -5.03 -6.08
CA PHE A 11 16.66 -5.93 -5.61
C PHE A 11 16.22 -7.35 -5.25
N SER A 12 15.10 -7.47 -4.54
CA SER A 12 14.58 -8.77 -4.13
C SER A 12 13.11 -8.61 -3.91
N ALA A 13 12.34 -9.62 -4.32
CA ALA A 13 10.91 -9.65 -4.08
C ALA A 13 10.59 -10.23 -2.71
N ARG A 14 11.61 -10.63 -1.97
CA ARG A 14 11.38 -11.20 -0.63
C ARG A 14 10.97 -10.09 0.31
N GLY A 15 9.89 -10.30 1.03
CA GLY A 15 9.31 -9.25 1.86
C GLY A 15 9.57 -9.45 3.34
N ASP A 16 10.32 -10.48 3.68
CA ASP A 16 10.57 -10.85 5.08
C ASP A 16 11.89 -10.36 5.62
N ARG A 17 12.74 -9.85 4.74
CA ARG A 17 14.03 -9.37 5.17
C ARG A 17 14.53 -8.36 4.19
N ILE A 18 15.29 -7.38 4.68
CA ILE A 18 15.85 -6.35 3.79
C ILE A 18 17.23 -6.82 3.30
N PRO A 19 17.54 -6.69 1.99
CA PRO A 19 18.88 -7.06 1.52
C PRO A 19 19.99 -6.25 2.18
N ASP A 20 21.11 -6.91 2.51
CA ASP A 20 22.24 -6.26 3.14
C ASP A 20 22.72 -5.12 2.27
N ALA A 21 22.51 -5.30 0.96
CA ALA A 21 22.80 -4.30 -0.08
C ALA A 21 22.23 -2.91 0.16
N VAL A 22 21.02 -2.82 0.70
CA VAL A 22 20.39 -1.52 0.88
C VAL A 22 21.27 -0.64 1.75
N ALA A 23 21.75 -1.18 2.88
CA ALA A 23 22.57 -0.37 3.80
C ALA A 23 23.88 -0.01 3.15
N GLU A 24 24.41 -0.91 2.31
CA GLU A 24 25.70 -0.67 1.67
C GLU A 24 25.53 0.47 0.70
N LEU A 25 24.41 0.44 -0.02
CA LEU A 25 24.05 1.46 -0.98
C LEU A 25 23.79 2.79 -0.28
N ARG A 26 23.04 2.74 0.80
CA ARG A 26 22.74 3.99 1.52
C ARG A 26 24.02 4.67 1.98
N THR A 27 24.98 3.86 2.42
CA THR A 27 26.25 4.37 2.93
C THR A 27 27.13 4.91 1.81
N ARG A 28 27.23 4.16 0.72
CA ARG A 28 28.15 4.46 -0.36
C ARG A 28 27.59 5.49 -1.35
N GLU A 29 26.31 5.35 -1.69
CA GLU A 29 25.74 6.11 -2.81
C GLU A 29 24.24 6.22 -2.61
N PRO A 30 23.80 7.08 -1.69
CA PRO A 30 22.37 7.19 -1.35
C PRO A 30 21.51 7.74 -2.45
N ILE A 31 22.13 8.20 -3.53
CA ILE A 31 21.45 8.37 -4.79
C ILE A 31 22.35 7.78 -5.86
N ARG A 32 21.79 6.83 -6.59
CA ARG A 32 22.56 6.19 -7.59
C ARG A 32 21.74 5.68 -8.76
N LYS A 33 22.43 5.52 -9.88
CA LYS A 33 21.77 5.14 -11.11
C LYS A 33 21.44 3.65 -11.08
N VAL A 34 20.25 3.31 -11.58
CA VAL A 34 19.79 1.91 -11.67
C VAL A 34 19.05 1.74 -12.99
N ARG A 35 18.87 0.49 -13.41
CA ARG A 35 18.03 0.18 -14.55
C ARG A 35 16.77 -0.51 -14.06
N THR A 36 15.63 -0.06 -14.58
CA THR A 36 14.32 -0.62 -14.20
C THR A 36 14.02 -1.77 -15.10
N ILE A 37 12.91 -2.44 -14.82
CA ILE A 37 12.50 -3.60 -15.59
C ILE A 37 12.14 -3.26 -17.07
N THR A 38 11.88 -1.98 -17.36
CA THR A 38 11.60 -1.57 -18.73
C THR A 38 12.88 -1.35 -19.55
N GLY A 39 14.03 -1.39 -18.89
CA GLY A 39 15.28 -0.91 -19.50
C GLY A 39 15.63 0.55 -19.30
N ALA A 40 14.69 1.32 -18.73
CA ALA A 40 14.93 2.70 -18.43
C ALA A 40 15.99 2.89 -17.32
N GLU A 41 16.74 4.00 -17.34
CA GLU A 41 17.59 4.40 -16.24
C GLU A 41 16.78 5.24 -15.25
N ALA A 42 17.14 5.19 -13.99
CA ALA A 42 16.47 5.92 -12.94
C ALA A 42 17.48 6.21 -11.83
N TRP A 43 17.14 7.16 -10.94
CA TRP A 43 17.94 7.40 -9.77
C TRP A 43 17.26 6.75 -8.57
N LEU A 44 17.98 5.86 -7.89
CA LEU A 44 17.42 5.19 -6.69
C LEU A 44 17.92 5.95 -5.48
N VAL A 45 16.99 6.46 -4.69
CA VAL A 45 17.29 7.24 -3.49
C VAL A 45 16.96 6.44 -2.23
N SER A 46 17.92 6.33 -1.32
CA SER A 46 17.83 5.36 -0.26
C SER A 46 18.20 5.84 1.14
N SER A 47 18.44 7.14 1.30
CA SER A 47 18.63 7.69 2.63
C SER A 47 17.38 8.42 3.08
N TYR A 48 17.19 8.44 4.39
CA TYR A 48 16.07 9.15 4.93
C TYR A 48 16.09 10.61 4.46
N ALA A 49 17.23 11.26 4.54
CA ALA A 49 17.38 12.67 4.18
C ALA A 49 16.99 12.95 2.73
N LEU A 50 17.51 12.14 1.82
CA LEU A 50 17.26 12.36 0.41
C LEU A 50 15.88 11.90 -0.02
N CYS A 51 15.39 10.81 0.56
CA CYS A 51 14.01 10.39 0.34
C CYS A 51 13.00 11.46 0.71
N THR A 52 13.17 12.05 1.90
CA THR A 52 12.31 13.16 2.28
C THR A 52 12.45 14.36 1.36
N GLN A 53 13.67 14.70 0.97
CA GLN A 53 13.88 15.83 0.09
C GLN A 53 13.05 15.67 -1.20
N VAL A 54 13.11 14.49 -1.77
CA VAL A 54 12.42 14.24 -3.04
C VAL A 54 10.93 14.24 -2.85
N LEU A 55 10.43 13.57 -1.82
CA LEU A 55 9.00 13.51 -1.65
C LEU A 55 8.39 14.86 -1.30
N GLU A 56 9.18 15.71 -0.69
CA GLU A 56 8.68 17.05 -0.33
C GLU A 56 8.92 18.13 -1.37
N ASP A 57 9.43 17.75 -2.53
CA ASP A 57 9.66 18.70 -3.60
C ASP A 57 8.81 18.26 -4.80
N ARG A 58 7.72 18.99 -5.02
CA ARG A 58 6.80 18.60 -6.08
C ARG A 58 7.36 18.72 -7.49
N ARG A 59 8.53 19.32 -7.64
CA ARG A 59 9.15 19.37 -8.96
C ARG A 59 9.62 17.97 -9.33
N PHE A 60 9.70 17.08 -8.34
CA PHE A 60 9.76 15.63 -8.60
C PHE A 60 8.32 15.21 -8.64
N SER A 61 7.80 15.07 -9.84
CA SER A 61 6.35 14.98 -10.07
C SER A 61 5.82 13.57 -10.21
N MET A 62 4.74 13.25 -9.51
CA MET A 62 4.02 11.99 -9.76
C MET A 62 3.29 12.03 -11.10
N LYS A 63 2.53 13.11 -11.34
CA LYS A 63 1.74 13.26 -12.54
C LYS A 63 2.58 13.02 -13.80
N GLU A 64 3.76 13.60 -13.85
CA GLU A 64 4.57 13.59 -15.07
C GLU A 64 5.22 12.21 -15.32
N THR A 65 5.16 11.32 -14.34
CA THR A 65 5.61 9.93 -14.60
C THR A 65 4.81 9.28 -15.70
N ALA A 66 3.59 9.76 -15.93
CA ALA A 66 2.68 9.20 -16.94
C ALA A 66 2.89 9.77 -18.34
N ALA A 67 3.83 10.70 -18.48
CA ALA A 67 4.08 11.39 -19.75
C ALA A 67 4.55 10.43 -20.82
N ALA A 68 4.00 10.56 -22.02
CA ALA A 68 4.44 9.69 -23.12
C ALA A 68 5.94 9.92 -23.32
N GLY A 69 6.71 8.85 -23.52
CA GLY A 69 8.12 8.99 -23.79
C GLY A 69 9.02 9.12 -22.57
N ALA A 70 8.46 9.18 -21.37
CA ALA A 70 9.27 9.26 -20.18
C ALA A 70 9.93 7.90 -19.91
N PRO A 71 11.08 7.93 -19.22
CA PRO A 71 11.66 6.70 -18.68
C PRO A 71 10.68 6.16 -17.65
N ARG A 72 10.38 4.87 -17.71
CA ARG A 72 9.36 4.25 -16.87
C ARG A 72 9.93 3.21 -15.93
N LEU A 73 9.45 3.23 -14.69
CA LEU A 73 9.66 2.16 -13.74
C LEU A 73 9.01 0.89 -14.25
N ASN A 74 7.78 1.04 -14.70
CA ASN A 74 6.95 -0.07 -15.13
C ASN A 74 5.85 0.49 -16.04
N ALA A 75 5.07 -0.39 -16.66
CA ALA A 75 4.03 0.00 -17.58
C ALA A 75 2.82 0.54 -16.81
N LEU A 76 2.12 1.50 -17.37
CA LEU A 76 0.87 1.92 -16.79
C LEU A 76 -0.11 0.78 -16.74
N THR A 77 -0.84 0.67 -15.63
CA THR A 77 -1.93 -0.27 -15.55
C THR A 77 -3.30 0.44 -15.51
N VAL A 78 -3.27 1.77 -15.59
CA VAL A 78 -4.47 2.60 -15.63
C VAL A 78 -4.33 3.63 -16.75
N PRO A 79 -5.43 4.27 -17.13
CA PRO A 79 -5.25 5.36 -18.13
C PRO A 79 -4.30 6.43 -17.58
N PRO A 80 -3.49 7.09 -18.44
CA PRO A 80 -2.51 8.02 -17.91
C PRO A 80 -3.06 9.15 -17.06
N GLU A 81 -4.25 9.65 -17.37
CA GLU A 81 -4.81 10.72 -16.55
C GLU A 81 -5.04 10.26 -15.13
N VAL A 82 -5.29 8.97 -14.97
CA VAL A 82 -5.59 8.39 -13.63
C VAL A 82 -4.38 8.38 -12.67
N VAL A 83 -3.17 8.46 -13.20
CA VAL A 83 -2.01 8.66 -12.36
C VAL A 83 -2.09 9.95 -11.47
N ASN A 84 -2.77 10.97 -11.99
CA ASN A 84 -3.03 12.21 -11.28
C ASN A 84 -4.39 12.21 -10.58
N ASN A 85 -4.88 11.02 -10.24
CA ASN A 85 -6.18 10.84 -9.61
C ASN A 85 -6.38 11.80 -8.47
N MET A 86 -5.43 11.87 -7.54
CA MET A 86 -5.67 12.77 -6.38
C MET A 86 -5.79 14.25 -6.77
N GLY A 87 -4.93 14.72 -7.67
CA GLY A 87 -5.07 16.05 -8.29
C GLY A 87 -6.44 16.24 -8.93
N ASN A 88 -6.91 15.22 -9.61
CA ASN A 88 -8.18 15.28 -10.30
C ASN A 88 -9.31 15.42 -9.27
N ILE A 89 -9.21 14.64 -8.20
CA ILE A 89 -10.18 14.71 -7.10
C ILE A 89 -10.18 16.11 -6.48
N ALA A 90 -9.00 16.64 -6.19
CA ALA A 90 -8.91 17.96 -5.57
C ALA A 90 -9.46 19.03 -6.51
N ASP A 91 -9.12 18.93 -7.80
CA ASP A 91 -9.61 19.86 -8.81
C ASP A 91 -11.12 19.86 -8.92
N ALA A 92 -11.76 18.70 -8.70
CA ALA A 92 -13.22 18.57 -8.80
C ALA A 92 -13.93 19.00 -7.51
N GLY A 93 -13.15 19.39 -6.51
CA GLY A 93 -13.66 19.87 -5.23
C GLY A 93 -14.08 18.77 -4.28
N LEU A 94 -13.57 17.55 -4.53
CA LEU A 94 -14.01 16.37 -3.82
C LEU A 94 -13.06 15.87 -2.74
N ARG A 95 -11.92 16.53 -2.56
CA ARG A 95 -10.91 15.98 -1.66
C ARG A 95 -11.38 15.82 -0.22
N LYS A 96 -12.00 16.84 0.34
CA LYS A 96 -12.44 16.78 1.74
C LYS A 96 -13.43 15.65 1.93
N ALA A 97 -14.38 15.54 1.02
CA ALA A 97 -15.42 14.52 1.09
C ALA A 97 -14.85 13.12 0.92
N VAL A 98 -13.93 12.96 -0.04
CA VAL A 98 -13.33 11.64 -0.21
C VAL A 98 -12.57 11.25 1.08
N MET A 99 -11.71 12.16 1.55
CA MET A 99 -10.89 11.82 2.70
C MET A 99 -11.74 11.57 3.94
N LYS A 100 -12.83 12.32 4.11
CA LYS A 100 -13.73 12.06 5.23
C LYS A 100 -14.39 10.69 5.19
N ALA A 101 -14.72 10.21 4.00
CA ALA A 101 -15.38 8.91 3.87
C ALA A 101 -14.43 7.75 4.13
N ILE A 102 -13.12 7.97 4.13
CA ILE A 102 -12.22 6.82 4.28
C ILE A 102 -11.42 6.87 5.58
N THR A 103 -11.89 7.64 6.55
CA THR A 103 -11.35 7.55 7.90
C THR A 103 -11.98 6.35 8.62
N PRO A 104 -11.33 5.87 9.68
CA PRO A 104 -11.94 4.78 10.45
C PRO A 104 -13.09 5.24 11.39
N LYS A 105 -13.60 6.46 11.19
CA LYS A 105 -14.45 7.12 12.20
C LYS A 105 -15.95 6.98 12.03
N ALA A 106 -16.42 6.47 10.90
CA ALA A 106 -17.86 6.27 10.75
C ALA A 106 -18.38 5.36 11.85
N PRO A 107 -19.50 5.76 12.52
CA PRO A 107 -20.16 4.83 13.45
C PRO A 107 -20.29 3.41 12.91
N GLY A 108 -19.94 2.45 13.77
CA GLY A 108 -20.07 1.04 13.42
C GLY A 108 -18.87 0.47 12.66
N LEU A 109 -18.02 1.33 12.09
CA LEU A 109 -16.96 0.83 11.23
C LEU A 109 -15.99 -0.07 11.98
N GLU A 110 -15.47 0.42 13.10
CA GLU A 110 -14.48 -0.35 13.82
C GLU A 110 -15.10 -1.64 14.36
N GLN A 111 -16.36 -1.58 14.76
CA GLN A 111 -17.01 -2.78 15.27
C GLN A 111 -17.16 -3.78 14.13
N PHE A 112 -17.41 -3.26 12.94
CA PHE A 112 -17.51 -4.11 11.78
C PHE A 112 -16.17 -4.79 11.51
N LEU A 113 -15.10 -4.02 11.61
CA LEU A 113 -13.76 -4.57 11.42
C LEU A 113 -13.48 -5.69 12.42
N ARG A 114 -13.79 -5.46 13.67
CA ARG A 114 -13.54 -6.47 14.71
C ARG A 114 -14.39 -7.71 14.53
N ASP A 115 -15.68 -7.50 14.27
CA ASP A 115 -16.60 -8.62 14.02
C ASP A 115 -16.12 -9.44 12.86
N THR A 116 -15.65 -8.76 11.82
CA THR A 116 -15.25 -9.45 10.59
C THR A 116 -13.99 -10.27 10.84
N ALA A 117 -12.98 -9.63 11.44
CA ALA A 117 -11.75 -10.35 11.82
C ALA A 117 -12.07 -11.57 12.67
N ASN A 118 -12.91 -11.39 13.67
CA ASN A 118 -13.23 -12.49 14.55
C ASN A 118 -13.96 -13.61 13.85
N SER A 119 -14.84 -13.31 12.90
CA SER A 119 -15.51 -14.35 12.12
C SER A 119 -14.55 -15.16 11.25
N LEU A 120 -13.68 -14.45 10.54
CA LEU A 120 -12.65 -15.06 9.70
C LEU A 120 -11.77 -15.99 10.54
N LEU A 121 -11.33 -15.47 11.68
CA LEU A 121 -10.53 -16.25 12.64
C LEU A 121 -11.28 -17.45 13.17
N ASP A 122 -12.52 -17.26 13.65
CA ASP A 122 -13.34 -18.41 14.10
C ASP A 122 -13.42 -19.49 13.04
N ASN A 123 -13.61 -19.08 11.78
CA ASN A 123 -13.69 -20.03 10.68
C ASN A 123 -12.40 -20.83 10.51
N LEU A 124 -11.27 -20.16 10.65
CA LEU A 124 -9.99 -20.83 10.56
C LEU A 124 -9.80 -21.82 11.70
N ILE A 125 -10.21 -21.42 12.89
CA ILE A 125 -10.06 -22.30 14.05
C ILE A 125 -10.95 -23.52 13.89
N THR A 126 -12.18 -23.31 13.44
CA THR A 126 -13.09 -24.41 13.20
C THR A 126 -12.53 -25.38 12.17
N GLU A 127 -11.93 -24.86 11.10
CA GLU A 127 -11.42 -25.73 10.07
C GLU A 127 -10.17 -26.47 10.55
N GLY A 128 -9.41 -25.88 11.47
CA GLY A 128 -8.18 -26.51 11.97
C GLY A 128 -6.91 -26.11 11.22
N ALA A 129 -5.78 -26.11 11.91
CA ALA A 129 -4.49 -25.79 11.28
C ALA A 129 -4.11 -26.80 10.21
N PRO A 130 -3.31 -26.40 9.20
CA PRO A 130 -2.82 -25.06 8.94
C PRO A 130 -3.86 -24.14 8.30
N ALA A 131 -3.67 -22.83 8.51
CA ALA A 131 -4.49 -21.75 7.91
C ALA A 131 -3.60 -20.85 7.06
N ASP A 132 -4.20 -20.25 6.04
CA ASP A 132 -3.51 -19.27 5.19
C ASP A 132 -3.95 -17.86 5.64
N LEU A 133 -3.09 -17.20 6.41
CA LEU A 133 -3.41 -15.85 6.91
C LEU A 133 -3.51 -14.75 5.84
N ARG A 134 -2.96 -14.97 4.64
CA ARG A 134 -3.16 -14.00 3.58
C ARG A 134 -4.50 -14.22 2.93
N ASN A 135 -4.66 -15.35 2.26
CA ASN A 135 -5.87 -15.53 1.48
C ASN A 135 -7.12 -15.72 2.28
N ASP A 136 -6.98 -16.18 3.53
CA ASP A 136 -8.15 -16.49 4.34
C ASP A 136 -8.30 -15.62 5.62
N PHE A 137 -7.53 -14.54 5.71
CA PHE A 137 -7.68 -13.59 6.81
C PHE A 137 -7.37 -12.15 6.37
N ALA A 138 -6.11 -11.87 6.09
CA ALA A 138 -5.70 -10.48 5.85
C ALA A 138 -6.40 -9.85 4.65
N ASP A 139 -6.40 -10.56 3.53
CA ASP A 139 -7.02 -10.03 2.32
C ASP A 139 -8.53 -9.96 2.45
N PRO A 140 -9.18 -11.05 2.90
CA PRO A 140 -10.60 -10.96 3.08
C PRO A 140 -11.03 -9.84 4.05
N LEU A 141 -10.23 -9.60 5.07
CA LEU A 141 -10.49 -8.51 6.02
C LEU A 141 -10.40 -7.17 5.33
N ALA A 142 -9.33 -6.98 4.53
CA ALA A 142 -9.16 -5.81 3.70
C ALA A 142 -10.33 -5.60 2.75
N THR A 143 -10.79 -6.67 2.11
CA THR A 143 -11.84 -6.60 1.10
C THR A 143 -13.17 -6.26 1.74
N ALA A 144 -13.47 -6.92 2.85
CA ALA A 144 -14.67 -6.59 3.62
C ALA A 144 -14.65 -5.13 4.07
N LEU A 145 -13.52 -4.67 4.61
CA LEU A 145 -13.42 -3.30 5.06
C LEU A 145 -13.76 -2.32 3.94
N HIS A 146 -13.18 -2.55 2.77
CA HIS A 146 -13.33 -1.58 1.71
C HIS A 146 -14.69 -1.59 1.06
N CYS A 147 -15.36 -2.73 1.07
CA CYS A 147 -16.74 -2.75 0.64
C CYS A 147 -17.56 -1.86 1.59
N LYS A 148 -17.34 -2.03 2.89
CA LYS A 148 -18.07 -1.25 3.89
C LYS A 148 -17.75 0.24 3.74
N VAL A 149 -16.47 0.56 3.57
CA VAL A 149 -16.05 1.93 3.42
C VAL A 149 -16.65 2.56 2.17
N LEU A 150 -16.72 1.79 1.09
CA LEU A 150 -17.30 2.30 -0.15
C LEU A 150 -18.84 2.36 -0.13
N GLY A 151 -19.47 1.59 0.75
CA GLY A 151 -20.93 1.48 0.76
C GLY A 151 -21.50 0.47 -0.21
N ILE A 152 -20.66 -0.44 -0.71
CA ILE A 152 -21.09 -1.39 -1.70
C ILE A 152 -21.30 -2.78 -1.10
N PRO A 153 -22.12 -3.63 -1.73
CA PRO A 153 -22.39 -4.96 -1.15
C PRO A 153 -21.13 -5.79 -0.90
N GLN A 154 -21.10 -6.45 0.23
CA GLN A 154 -20.02 -7.37 0.55
C GLN A 154 -19.81 -8.41 -0.53
N GLU A 155 -20.91 -8.89 -1.10
CA GLU A 155 -20.82 -9.95 -2.09
C GLU A 155 -20.16 -9.51 -3.40
N ASP A 156 -20.04 -8.21 -3.62
CA ASP A 156 -19.33 -7.66 -4.77
C ASP A 156 -17.81 -7.59 -4.58
N GLY A 157 -17.33 -7.74 -3.34
CA GLY A 157 -15.93 -7.58 -3.04
C GLY A 157 -14.97 -8.57 -3.72
N PRO A 158 -15.27 -9.87 -3.66
CA PRO A 158 -14.39 -10.85 -4.28
C PRO A 158 -14.09 -10.60 -5.75
N LYS A 159 -15.08 -10.29 -6.56
CA LYS A 159 -14.81 -10.02 -8.00
C LYS A 159 -13.89 -8.80 -8.17
N LEU A 160 -14.11 -7.73 -7.40
CA LEU A 160 -13.26 -6.55 -7.47
C LEU A 160 -11.88 -6.92 -7.00
N PHE A 161 -11.81 -7.70 -5.93
CA PHE A 161 -10.53 -8.15 -5.41
C PHE A 161 -9.69 -8.92 -6.46
N ARG A 162 -10.36 -9.77 -7.23
CA ARG A 162 -9.72 -10.63 -8.25
C ARG A 162 -9.02 -9.85 -9.35
N SER A 163 -9.42 -8.60 -9.59
CA SER A 163 -8.66 -7.73 -10.47
C SER A 163 -7.26 -7.42 -9.99
N LEU A 164 -7.03 -7.44 -8.67
CA LEU A 164 -5.83 -6.81 -8.13
C LEU A 164 -4.50 -7.51 -8.39
N SER A 165 -4.51 -8.84 -8.54
CA SER A 165 -3.26 -9.56 -8.81
C SER A 165 -2.67 -9.14 -10.16
N ILE A 166 -3.51 -8.56 -11.03
CA ILE A 166 -3.06 -8.00 -12.31
C ILE A 166 -2.97 -6.45 -12.23
N ALA A 167 -3.96 -5.80 -11.61
CA ALA A 167 -3.96 -4.34 -11.60
C ALA A 167 -2.75 -3.75 -10.96
N PHE A 168 -2.23 -4.41 -9.94
CA PHE A 168 -1.01 -3.95 -9.28
C PHE A 168 0.23 -4.69 -9.68
N MET A 169 0.23 -5.27 -10.88
CA MET A 169 1.47 -5.78 -11.43
C MET A 169 2.46 -4.64 -11.69
N SER A 170 3.73 -4.98 -11.62
CA SER A 170 4.83 -4.10 -11.96
C SER A 170 5.52 -4.73 -13.19
N SER A 171 5.02 -4.35 -14.36
CA SER A 171 5.33 -5.03 -15.62
C SER A 171 6.15 -4.16 -16.53
N ALA A 172 6.97 -4.82 -17.36
CA ALA A 172 7.74 -4.09 -18.35
C ALA A 172 6.85 -3.55 -19.46
N ASP A 173 5.75 -4.24 -19.72
CA ASP A 173 4.90 -4.00 -20.87
C ASP A 173 3.45 -3.83 -20.45
N PRO A 174 2.67 -3.13 -21.26
CA PRO A 174 1.25 -3.06 -20.97
C PRO A 174 0.62 -4.43 -20.84
N ILE A 175 -0.41 -4.50 -20.00
CA ILE A 175 -0.99 -5.74 -19.62
C ILE A 175 -2.43 -5.76 -20.10
N PRO A 176 -2.71 -6.52 -21.17
CA PRO A 176 -4.09 -6.53 -21.69
C PRO A 176 -5.19 -6.83 -20.65
N ALA A 177 -4.93 -7.74 -19.73
CA ALA A 177 -5.92 -8.11 -18.74
C ALA A 177 -6.23 -6.90 -17.85
N ALA A 178 -5.24 -6.04 -17.61
CA ALA A 178 -5.44 -4.89 -16.74
C ALA A 178 -6.53 -3.99 -17.31
N LYS A 179 -6.49 -3.76 -18.62
CA LYS A 179 -7.53 -2.92 -19.23
C LYS A 179 -8.93 -3.57 -19.21
N ILE A 180 -9.01 -4.87 -19.48
CA ILE A 180 -10.26 -5.60 -19.42
C ILE A 180 -10.90 -5.42 -18.04
N ASN A 181 -10.12 -5.70 -17.00
CA ASN A 181 -10.62 -5.58 -15.65
C ASN A 181 -10.91 -4.14 -15.25
N TRP A 182 -10.06 -3.21 -15.65
CA TRP A 182 -10.29 -1.78 -15.35
C TRP A 182 -11.63 -1.33 -15.92
N ASP A 183 -11.86 -1.62 -17.20
CA ASP A 183 -13.07 -1.21 -17.87
C ASP A 183 -14.29 -1.82 -17.20
N ARG A 184 -14.17 -3.09 -16.82
CA ARG A 184 -15.29 -3.81 -16.17
C ARG A 184 -15.57 -3.18 -14.82
N ASP A 185 -14.51 -2.90 -14.09
CA ASP A 185 -14.67 -2.37 -12.72
C ASP A 185 -15.22 -0.95 -12.74
N ILE A 186 -14.80 -0.16 -13.73
CA ILE A 186 -15.38 1.17 -13.94
C ILE A 186 -16.87 1.10 -14.21
N GLU A 187 -17.29 0.16 -15.07
CA GLU A 187 -18.72 0.00 -15.37
C GLU A 187 -19.48 -0.41 -14.11
N TYR A 188 -18.85 -1.27 -13.33
CA TYR A 188 -19.41 -1.63 -12.03
C TYR A 188 -19.64 -0.38 -11.18
N MET A 189 -18.61 0.45 -11.00
CA MET A 189 -18.75 1.62 -10.10
C MET A 189 -19.75 2.64 -10.67
N ALA A 190 -19.82 2.71 -12.00
CA ALA A 190 -20.82 3.58 -12.67
C ALA A 190 -22.23 3.14 -12.31
N GLY A 191 -22.46 1.83 -12.34
CA GLY A 191 -23.74 1.26 -11.94
C GLY A 191 -24.05 1.53 -10.48
N ILE A 192 -23.01 1.49 -9.63
CA ILE A 192 -23.17 1.78 -8.20
C ILE A 192 -23.68 3.22 -7.99
N LEU A 193 -23.13 4.16 -8.76
CA LEU A 193 -23.53 5.55 -8.65
C LEU A 193 -24.98 5.76 -9.08
N GLU A 194 -25.46 4.89 -9.95
CA GLU A 194 -26.86 4.94 -10.45
C GLU A 194 -27.84 4.17 -9.57
N ASN A 195 -27.31 3.46 -8.58
CA ASN A 195 -28.08 2.51 -7.78
C ASN A 195 -28.66 3.21 -6.57
N PRO A 196 -29.99 3.36 -6.50
CA PRO A 196 -30.61 4.18 -5.45
C PRO A 196 -30.40 3.59 -4.06
N ASN A 197 -30.15 2.28 -3.99
CA ASN A 197 -29.92 1.60 -2.72
C ASN A 197 -28.53 1.84 -2.10
N ILE A 198 -27.62 2.45 -2.87
CA ILE A 198 -26.30 2.75 -2.35
C ILE A 198 -26.29 4.15 -1.79
N THR A 199 -26.42 4.26 -0.47
CA THR A 199 -26.57 5.55 0.19
C THR A 199 -25.55 5.81 1.26
N THR A 200 -24.68 4.83 1.52
CA THR A 200 -23.70 4.99 2.55
C THR A 200 -22.29 4.86 1.98
N GLY A 201 -21.31 5.17 2.81
CA GLY A 201 -19.91 5.06 2.44
C GLY A 201 -19.50 6.10 1.44
N LEU A 202 -18.31 5.90 0.90
CA LEU A 202 -17.76 6.77 -0.09
C LEU A 202 -18.66 6.86 -1.32
N MET A 203 -19.16 5.73 -1.81
CA MET A 203 -19.93 5.75 -3.06
C MET A 203 -21.31 6.34 -2.83
N GLY A 204 -21.86 6.14 -1.63
CA GLY A 204 -23.11 6.79 -1.26
C GLY A 204 -22.96 8.29 -1.27
N GLU A 205 -21.85 8.78 -0.71
CA GLU A 205 -21.59 10.21 -0.64
C GLU A 205 -21.30 10.76 -2.05
N LEU A 206 -20.48 10.06 -2.83
CA LEU A 206 -20.21 10.52 -4.20
C LEU A 206 -21.48 10.59 -5.03
N SER A 207 -22.37 9.66 -4.79
CA SER A 207 -23.61 9.55 -5.51
C SER A 207 -24.52 10.76 -5.24
N ARG A 208 -24.46 11.28 -4.02
CA ARG A 208 -25.23 12.46 -3.66
C ARG A 208 -24.56 13.72 -4.23
N LEU A 209 -23.24 13.81 -4.11
CA LEU A 209 -22.52 14.98 -4.62
C LEU A 209 -22.72 15.08 -6.13
N ARG A 210 -22.76 13.93 -6.78
CA ARG A 210 -22.98 13.86 -8.22
C ARG A 210 -24.24 14.57 -8.69
N LYS A 211 -25.25 14.62 -7.83
CA LYS A 211 -26.53 15.21 -8.20
C LYS A 211 -26.71 16.56 -7.53
N ASP A 212 -25.69 17.03 -6.83
CA ASP A 212 -25.68 18.37 -6.26
C ASP A 212 -25.21 19.37 -7.28
N PRO A 213 -25.87 20.55 -7.37
CA PRO A 213 -25.46 21.50 -8.44
C PRO A 213 -23.99 21.92 -8.40
N ALA A 214 -23.39 21.87 -7.23
CA ALA A 214 -22.01 22.32 -7.07
C ALA A 214 -21.05 21.36 -7.76
N TYR A 215 -21.54 20.20 -8.18
CA TYR A 215 -20.70 19.21 -8.93
C TYR A 215 -21.26 18.75 -10.29
N SER A 216 -22.21 19.50 -10.85
CA SER A 216 -22.83 19.11 -12.11
C SER A 216 -21.84 18.90 -13.26
N HIS A 217 -20.68 19.58 -13.22
CA HIS A 217 -19.71 19.47 -14.33
C HIS A 217 -18.49 18.62 -13.95
N VAL A 218 -18.64 17.86 -12.87
CA VAL A 218 -17.71 16.77 -12.55
C VAL A 218 -18.08 15.51 -13.34
N SER A 219 -17.09 14.90 -14.01
CA SER A 219 -17.43 13.78 -14.90
C SER A 219 -17.83 12.50 -14.18
N ASP A 220 -18.77 11.78 -14.77
CA ASP A 220 -19.15 10.49 -14.25
C ASP A 220 -17.94 9.55 -14.27
N GLU A 221 -17.07 9.69 -15.27
CA GLU A 221 -15.83 8.94 -15.29
C GLU A 221 -15.01 9.14 -14.03
N LEU A 222 -14.86 10.39 -13.57
CA LEU A 222 -14.07 10.64 -12.38
C LEU A 222 -14.72 10.00 -11.16
N PHE A 223 -16.02 10.18 -11.00
CA PHE A 223 -16.71 9.51 -9.86
C PHE A 223 -16.48 7.98 -9.84
N ALA A 224 -16.65 7.30 -10.98
CA ALA A 224 -16.41 5.84 -11.06
C ALA A 224 -14.94 5.51 -10.80
N THR A 225 -14.06 6.33 -11.34
CA THR A 225 -12.61 6.16 -11.13
C THR A 225 -12.23 6.22 -9.66
N ILE A 226 -12.85 7.12 -8.89
CA ILE A 226 -12.59 7.22 -7.46
C ILE A 226 -12.89 5.88 -6.78
N GLY A 227 -14.01 5.26 -7.11
CA GLY A 227 -14.37 3.96 -6.56
C GLY A 227 -13.34 2.85 -6.85
N VAL A 228 -12.97 2.73 -8.11
CA VAL A 228 -12.05 1.66 -8.52
C VAL A 228 -10.70 1.90 -7.86
N THR A 229 -10.22 3.14 -7.95
CA THR A 229 -8.89 3.49 -7.44
C THR A 229 -8.77 3.33 -5.93
N PHE A 230 -9.77 3.81 -5.19
CA PHE A 230 -9.68 3.72 -3.72
C PHE A 230 -9.91 2.31 -3.22
N PHE A 231 -10.77 1.56 -3.87
CA PHE A 231 -10.93 0.16 -3.52
C PHE A 231 -9.61 -0.55 -3.73
N GLY A 232 -9.05 -0.40 -4.91
CA GLY A 232 -7.82 -1.11 -5.27
C GLY A 232 -6.66 -0.76 -4.38
N ALA A 233 -6.38 0.54 -4.22
CA ALA A 233 -5.23 0.98 -3.42
C ALA A 233 -5.42 0.56 -1.97
N GLY A 234 -6.63 0.75 -1.47
CA GLY A 234 -6.95 0.38 -0.11
C GLY A 234 -6.77 -1.09 0.18
N VAL A 235 -7.40 -1.92 -0.64
CA VAL A 235 -7.38 -3.34 -0.40
C VAL A 235 -5.98 -3.89 -0.59
N ILE A 236 -5.31 -3.48 -1.66
CA ILE A 236 -3.98 -4.06 -1.89
C ILE A 236 -3.01 -3.61 -0.80
N SER A 237 -3.18 -2.38 -0.34
CA SER A 237 -2.22 -1.81 0.59
C SER A 237 -2.42 -2.38 1.98
N THR A 238 -3.66 -2.41 2.43
CA THR A 238 -3.96 -2.95 3.77
C THR A 238 -3.80 -4.48 3.86
N GLY A 239 -4.25 -5.20 2.84
CA GLY A 239 -4.11 -6.64 2.86
C GLY A 239 -2.63 -7.03 2.84
N SER A 240 -1.85 -6.39 2.00
CA SER A 240 -0.43 -6.68 1.92
C SER A 240 0.37 -6.24 3.13
N PHE A 241 0.08 -5.05 3.63
CA PHE A 241 0.75 -4.62 4.86
C PHE A 241 0.45 -5.57 6.00
N LEU A 242 -0.83 -5.87 6.22
CA LEU A 242 -1.20 -6.72 7.34
C LEU A 242 -0.52 -8.08 7.20
N THR A 243 -0.56 -8.64 5.98
CA THR A 243 0.09 -9.94 5.76
C THR A 243 1.54 -9.90 6.17
N THR A 244 2.27 -8.90 5.69
CA THR A 244 3.70 -8.91 5.96
C THR A 244 3.98 -8.52 7.43
N ALA A 245 3.14 -7.68 8.03
CA ALA A 245 3.25 -7.33 9.45
C ALA A 245 3.06 -8.56 10.32
N LEU A 246 2.12 -9.42 9.93
CA LEU A 246 1.93 -10.69 10.62
C LEU A 246 3.17 -11.56 10.59
N ILE A 247 3.87 -11.62 9.47
CA ILE A 247 5.15 -12.34 9.41
C ILE A 247 6.16 -11.77 10.41
N SER A 248 6.33 -10.43 10.40
CA SER A 248 7.21 -9.71 11.33
C SER A 248 6.89 -10.06 12.79
N LEU A 249 5.61 -10.11 13.10
CA LEU A 249 5.13 -10.45 14.45
C LEU A 249 5.37 -11.89 14.81
N ILE A 250 4.99 -12.77 13.89
CA ILE A 250 5.14 -14.18 14.12
C ILE A 250 6.60 -14.55 14.38
N GLN A 251 7.51 -13.91 13.65
CA GLN A 251 8.94 -14.10 13.82
C GLN A 251 9.51 -13.52 15.12
N ARG A 252 8.68 -12.86 15.90
CA ARG A 252 9.10 -12.22 17.15
C ARG A 252 8.21 -12.69 18.29
N PRO A 253 8.39 -13.93 18.75
CA PRO A 253 7.49 -14.45 19.77
C PRO A 253 7.38 -13.58 21.05
N GLN A 254 8.47 -12.94 21.41
CA GLN A 254 8.53 -12.03 22.59
C GLN A 254 7.61 -10.85 22.37
N LEU A 255 7.69 -10.26 21.17
CA LEU A 255 6.81 -9.15 20.81
C LEU A 255 5.37 -9.62 20.71
N ARG A 256 5.15 -10.76 20.06
CA ARG A 256 3.82 -11.35 19.99
C ARG A 256 3.23 -11.48 21.40
N ASN A 257 4.01 -12.01 22.34
CA ASN A 257 3.51 -12.19 23.70
C ASN A 257 3.25 -10.88 24.42
N LEU A 258 4.16 -9.92 24.27
CA LEU A 258 3.97 -8.57 24.84
C LEU A 258 2.69 -7.89 24.37
N LEU A 259 2.49 -7.88 23.05
CA LEU A 259 1.29 -7.32 22.48
C LEU A 259 0.07 -8.10 22.87
N HIS A 260 0.19 -9.41 23.05
CA HIS A 260 -0.96 -10.21 23.50
C HIS A 260 -1.30 -9.84 24.96
N GLU A 261 -0.28 -9.75 25.79
CA GLU A 261 -0.46 -9.46 27.21
C GLU A 261 -0.88 -8.00 27.44
N LYS A 262 -0.31 -7.08 26.66
CA LYS A 262 -0.56 -5.63 26.80
C LYS A 262 -1.03 -5.02 25.46
N PRO A 263 -2.27 -5.31 25.07
CA PRO A 263 -2.73 -4.85 23.75
C PRO A 263 -2.90 -3.32 23.60
N GLU A 264 -2.77 -2.58 24.69
CA GLU A 264 -2.73 -1.14 24.57
C GLU A 264 -1.46 -0.68 23.85
N LEU A 265 -0.46 -1.56 23.77
CA LEU A 265 0.77 -1.29 23.03
C LEU A 265 0.64 -1.59 21.53
N ILE A 266 -0.49 -2.13 21.12
CA ILE A 266 -0.65 -2.55 19.71
C ILE A 266 -0.49 -1.37 18.75
N PRO A 267 -1.12 -0.22 19.04
CA PRO A 267 -0.81 0.93 18.18
C PRO A 267 0.69 1.25 18.00
N ALA A 268 1.46 1.30 19.09
CA ALA A 268 2.89 1.51 18.98
C ALA A 268 3.58 0.38 18.19
N GLY A 269 3.09 -0.84 18.41
CA GLY A 269 3.58 -2.00 17.67
C GLY A 269 3.31 -1.84 16.18
N VAL A 270 2.08 -1.45 15.85
CA VAL A 270 1.70 -1.29 14.45
C VAL A 270 2.53 -0.20 13.80
N GLU A 271 2.86 0.87 14.53
CA GLU A 271 3.67 1.92 13.94
C GLU A 271 5.09 1.43 13.58
N GLU A 272 5.68 0.60 14.44
CA GLU A 272 6.97 0.00 14.13
C GLU A 272 6.85 -0.99 12.98
N LEU A 273 5.79 -1.78 12.99
CA LEU A 273 5.57 -2.77 11.90
C LEU A 273 5.42 -2.03 10.57
N LEU A 274 4.72 -0.90 10.60
CA LEU A 274 4.71 0.00 9.43
C LEU A 274 6.10 0.46 9.04
N ARG A 275 6.87 0.96 10.02
CA ARG A 275 8.20 1.42 9.71
C ARG A 275 9.05 0.37 9.02
N ILE A 276 9.02 -0.86 9.52
CA ILE A 276 9.97 -1.87 8.99
C ILE A 276 9.36 -2.65 7.83
N ASN A 277 8.17 -2.26 7.42
CA ASN A 277 7.43 -3.05 6.43
C ASN A 277 8.10 -2.98 5.05
N LEU A 278 8.22 -4.15 4.39
CA LEU A 278 8.80 -4.24 3.05
C LEU A 278 7.79 -4.50 1.93
N ALA A 279 6.53 -4.23 2.15
CA ALA A 279 5.50 -4.53 1.18
C ALA A 279 5.60 -3.72 -0.11
N PHE A 280 6.05 -2.47 -0.06
CA PHE A 280 6.23 -1.74 -1.33
C PHE A 280 7.42 -2.32 -2.06
N ALA A 281 7.15 -2.84 -3.26
CA ALA A 281 8.11 -3.64 -4.03
C ALA A 281 9.15 -2.81 -4.78
N ASP A 282 8.77 -1.59 -5.12
CA ASP A 282 9.60 -0.69 -5.93
C ASP A 282 9.67 0.66 -5.23
N GLY A 283 10.69 1.44 -5.54
CA GLY A 283 10.71 2.83 -5.06
C GLY A 283 9.48 3.57 -5.57
N LEU A 284 9.04 4.62 -4.85
CA LEU A 284 7.96 5.46 -5.35
C LEU A 284 8.50 6.32 -6.53
N PRO A 285 7.86 6.24 -7.71
CA PRO A 285 8.40 6.94 -8.84
C PRO A 285 7.99 8.42 -8.90
N ARG A 286 8.93 9.25 -9.35
CA ARG A 286 8.69 10.66 -9.62
C ARG A 286 9.52 11.04 -10.87
N LEU A 287 9.01 11.96 -11.68
CA LEU A 287 9.80 12.48 -12.80
C LEU A 287 10.24 13.91 -12.50
N ALA A 288 11.51 14.19 -12.67
CA ALA A 288 12.04 15.57 -12.46
C ALA A 288 11.52 16.51 -13.54
N THR A 289 11.00 17.66 -13.10
CA THR A 289 10.48 18.67 -13.99
C THR A 289 11.42 19.85 -14.10
N ALA A 290 12.60 19.71 -13.50
CA ALA A 290 13.64 20.73 -13.46
C ALA A 290 14.95 20.01 -13.17
N ASP A 291 16.08 20.69 -13.36
CA ASP A 291 17.35 20.15 -12.90
C ASP A 291 17.42 20.46 -11.40
N ILE A 292 17.59 19.43 -10.58
CA ILE A 292 17.55 19.53 -9.11
C ILE A 292 18.70 18.77 -8.47
N GLN A 293 19.42 19.42 -7.54
CA GLN A 293 20.51 18.76 -6.84
C GLN A 293 19.93 17.86 -5.76
N VAL A 294 20.31 16.59 -5.80
CA VAL A 294 19.95 15.61 -4.77
C VAL A 294 21.22 14.93 -4.32
N GLY A 295 21.70 15.27 -3.13
CA GLY A 295 22.96 14.74 -2.69
C GLY A 295 24.03 15.17 -3.68
N ASP A 296 24.88 14.22 -4.08
CA ASP A 296 25.96 14.50 -5.03
C ASP A 296 25.56 14.44 -6.51
N VAL A 297 24.29 14.23 -6.77
CA VAL A 297 23.79 14.07 -8.14
C VAL A 297 22.91 15.26 -8.51
N LEU A 298 23.17 15.84 -9.69
CA LEU A 298 22.27 16.78 -10.29
C LEU A 298 21.33 16.00 -11.15
N VAL A 299 20.12 15.77 -10.66
CA VAL A 299 19.08 15.11 -11.41
C VAL A 299 18.61 16.07 -12.49
N ARG A 300 18.54 15.59 -13.70
CA ARG A 300 18.16 16.43 -14.83
C ARG A 300 16.69 16.31 -15.16
N LYS A 301 16.12 17.40 -15.66
CA LYS A 301 14.74 17.42 -16.11
C LYS A 301 14.49 16.23 -17.01
N GLY A 302 13.39 15.53 -16.75
CA GLY A 302 12.98 14.36 -17.53
C GLY A 302 13.43 13.01 -17.01
N GLU A 303 14.28 13.02 -15.98
CA GLU A 303 14.81 11.79 -15.39
C GLU A 303 13.86 11.25 -14.32
N LEU A 304 13.90 9.93 -14.18
CA LEU A 304 13.06 9.23 -13.27
C LEU A 304 13.81 9.03 -11.97
N VAL A 305 13.11 9.22 -10.87
CA VAL A 305 13.65 9.07 -9.51
C VAL A 305 12.75 8.09 -8.75
N LEU A 306 13.38 7.20 -7.99
CA LEU A 306 12.67 6.16 -7.26
C LEU A 306 13.04 6.33 -5.82
N VAL A 307 12.02 6.55 -5.00
CA VAL A 307 12.21 6.76 -3.58
C VAL A 307 12.00 5.44 -2.84
N LEU A 308 13.11 4.86 -2.38
CA LEU A 308 13.08 3.56 -1.75
C LEU A 308 12.66 3.70 -0.29
N LEU A 309 11.44 3.31 0.00
CA LEU A 309 10.87 3.53 1.33
C LEU A 309 11.69 2.86 2.41
N GLU A 310 12.14 1.61 2.20
CA GLU A 310 12.95 0.94 3.22
C GLU A 310 14.34 1.52 3.34
N GLY A 311 14.78 2.21 2.30
CA GLY A 311 16.00 3.01 2.36
C GLY A 311 15.84 4.01 3.51
N ALA A 312 14.73 4.71 3.52
CA ALA A 312 14.50 5.76 4.53
C ALA A 312 14.26 5.13 5.86
N ASN A 313 13.43 4.10 5.84
CA ASN A 313 12.85 3.56 7.06
C ASN A 313 13.80 2.69 7.88
N PHE A 314 14.85 2.20 7.22
CA PHE A 314 15.91 1.45 7.86
C PHE A 314 17.17 2.26 7.98
N ASP A 315 17.09 3.57 7.77
CA ASP A 315 18.24 4.46 7.85
C ASP A 315 18.63 4.62 9.33
N PRO A 316 19.81 4.10 9.71
CA PRO A 316 20.21 4.15 11.15
C PRO A 316 20.50 5.57 11.65
N GLU A 317 20.75 6.49 10.72
CA GLU A 317 20.92 7.91 11.10
C GLU A 317 19.63 8.48 11.68
N HIS A 318 18.48 8.00 11.23
CA HIS A 318 17.20 8.47 11.69
C HIS A 318 16.51 7.53 12.70
N PHE A 319 16.73 6.22 12.52
CA PHE A 319 16.09 5.20 13.32
C PHE A 319 17.18 4.25 13.80
N PRO A 320 17.85 4.59 14.91
CA PRO A 320 18.92 3.77 15.42
C PRO A 320 18.45 2.35 15.70
N ASN A 321 19.33 1.41 15.43
CA ASN A 321 18.94 -0.01 15.46
C ASN A 321 17.71 -0.24 14.62
N PRO A 322 17.81 0.13 13.31
CA PRO A 322 16.63 0.19 12.44
C PRO A 322 15.89 -1.11 12.27
N GLY A 323 16.58 -2.24 12.39
CA GLY A 323 15.92 -3.53 12.20
C GLY A 323 15.15 -4.04 13.40
N SER A 324 15.30 -3.35 14.54
CA SER A 324 14.61 -3.73 15.79
C SER A 324 13.30 -2.97 15.97
N ILE A 325 12.24 -3.69 16.31
CA ILE A 325 11.01 -3.09 16.71
C ILE A 325 11.17 -2.62 18.16
N GLU A 326 11.04 -1.31 18.35
CA GLU A 326 11.20 -0.64 19.64
C GLU A 326 10.01 0.25 19.79
N LEU A 327 9.26 0.07 20.85
CA LEU A 327 7.95 0.67 21.05
C LEU A 327 8.04 2.04 21.70
N ASP A 328 9.27 2.47 22.00
CA ASP A 328 9.53 3.69 22.76
C ASP A 328 10.42 4.65 21.99
N ARG A 329 10.33 4.65 20.66
CA ARG A 329 11.17 5.52 19.90
C ARG A 329 10.61 6.93 20.07
N PRO A 330 11.46 7.96 20.03
CA PRO A 330 11.03 9.36 20.16
C PRO A 330 10.45 9.96 18.89
N ASN A 331 10.64 9.25 17.76
CA ASN A 331 10.17 9.70 16.46
C ASN A 331 9.33 8.65 15.68
N PRO A 332 8.35 8.01 16.35
CA PRO A 332 7.75 6.78 15.84
C PRO A 332 6.89 6.87 14.57
N THR A 333 6.24 8.01 14.32
CA THR A 333 5.44 8.15 13.10
C THR A 333 6.20 8.84 11.97
N SER A 334 7.47 9.14 12.16
CA SER A 334 8.26 9.92 11.21
C SER A 334 8.77 9.03 10.06
N HIS A 335 8.38 7.77 10.08
CA HIS A 335 8.73 6.88 8.93
C HIS A 335 7.95 7.30 7.67
N LEU A 336 8.33 6.70 6.54
CA LEU A 336 7.74 6.96 5.25
C LEU A 336 6.86 5.86 4.71
N ALA A 337 6.33 5.02 5.58
CA ALA A 337 5.44 3.96 5.12
C ALA A 337 4.22 4.43 4.34
N PHE A 338 3.73 5.62 4.66
CA PHE A 338 2.56 6.22 4.02
C PHE A 338 2.98 7.33 3.04
N GLY A 339 4.27 7.37 2.74
CA GLY A 339 4.85 8.40 1.90
C GLY A 339 5.01 9.68 2.70
N ARG A 340 5.07 10.78 1.98
CA ARG A 340 5.33 12.10 2.55
C ARG A 340 5.03 13.15 1.49
N GLY A 341 4.54 14.30 1.95
CA GLY A 341 4.41 15.45 1.06
C GLY A 341 3.08 15.42 0.38
N GLN A 342 3.06 15.90 -0.87
CA GLN A 342 1.83 16.12 -1.60
C GLN A 342 0.97 14.88 -1.72
N HIS A 343 1.60 13.71 -1.85
CA HIS A 343 0.89 12.48 -2.08
C HIS A 343 0.88 11.55 -0.90
N PHE A 344 1.04 12.11 0.31
CA PHE A 344 0.89 11.34 1.54
C PHE A 344 -0.41 10.55 1.49
N CYS A 345 -0.34 9.29 1.91
CA CYS A 345 -1.50 8.39 1.84
C CYS A 345 -2.75 8.98 2.47
N PRO A 346 -3.83 9.11 1.68
CA PRO A 346 -5.06 9.59 2.30
C PRO A 346 -5.79 8.55 3.18
N GLY A 347 -5.35 7.28 3.17
CA GLY A 347 -6.00 6.20 3.93
C GLY A 347 -5.21 5.79 5.16
N SER A 348 -4.26 6.63 5.56
CA SER A 348 -3.30 6.26 6.60
C SER A 348 -3.98 5.86 7.89
N ALA A 349 -5.00 6.59 8.32
CA ALA A 349 -5.69 6.27 9.57
C ALA A 349 -6.40 4.95 9.47
N LEU A 350 -7.03 4.76 8.33
CA LEU A 350 -7.78 3.54 8.08
C LEU A 350 -6.85 2.33 8.00
N GLY A 351 -5.71 2.52 7.37
CA GLY A 351 -4.66 1.51 7.26
C GLY A 351 -4.18 1.10 8.64
N ARG A 352 -3.91 2.08 9.48
CA ARG A 352 -3.52 1.79 10.86
C ARG A 352 -4.54 0.97 11.61
N ARG A 353 -5.80 1.39 11.50
CA ARG A 353 -6.86 0.74 12.25
C ARG A 353 -7.12 -0.67 11.74
N HIS A 354 -7.03 -0.89 10.44
CA HIS A 354 -7.22 -2.24 9.90
C HIS A 354 -6.17 -3.20 10.49
N ALA A 355 -4.93 -2.74 10.57
CA ALA A 355 -3.83 -3.56 11.04
C ALA A 355 -3.94 -3.78 12.55
N GLN A 356 -4.29 -2.71 13.25
CA GLN A 356 -4.41 -2.77 14.73
C GLN A 356 -5.52 -3.72 15.14
N ILE A 357 -6.67 -3.60 14.50
CA ILE A 357 -7.79 -4.48 14.77
C ILE A 357 -7.53 -5.95 14.35
N GLY A 358 -6.94 -6.14 13.19
CA GLY A 358 -6.61 -7.48 12.73
C GLY A 358 -5.62 -8.17 13.66
N ILE A 359 -4.63 -7.43 14.11
CA ILE A 359 -3.61 -7.98 14.97
C ILE A 359 -4.23 -8.26 16.36
N GLU A 360 -5.00 -7.33 16.88
CA GLU A 360 -5.63 -7.54 18.18
C GLU A 360 -6.48 -8.82 18.18
N ALA A 361 -7.27 -8.99 17.13
CA ALA A 361 -8.16 -10.11 17.01
C ALA A 361 -7.34 -11.38 16.88
N LEU A 362 -6.27 -11.33 16.06
CA LEU A 362 -5.48 -12.54 15.85
C LEU A 362 -4.82 -13.00 17.13
N LEU A 363 -4.21 -12.07 17.85
CA LEU A 363 -3.52 -12.40 19.09
C LEU A 363 -4.48 -12.94 20.15
N LYS A 364 -5.69 -12.41 20.20
CA LYS A 364 -6.69 -12.91 21.13
C LYS A 364 -7.12 -14.33 20.77
N LYS A 365 -7.44 -14.57 19.50
CA LYS A 365 -7.91 -15.88 19.04
C LYS A 365 -6.80 -16.93 18.92
N MET A 366 -5.60 -16.49 18.49
CA MET A 366 -4.51 -17.38 18.17
C MET A 366 -3.25 -16.95 18.85
N PRO A 367 -3.25 -16.98 20.20
CA PRO A 367 -2.07 -16.49 20.91
C PRO A 367 -0.83 -17.31 20.58
N GLY A 368 -1.05 -18.58 20.26
CA GLY A 368 0.06 -19.47 19.89
C GLY A 368 0.47 -19.46 18.41
N VAL A 369 0.01 -18.47 17.65
CA VAL A 369 0.25 -18.43 16.19
C VAL A 369 1.73 -18.53 15.86
N ASP A 370 2.07 -19.38 14.90
CA ASP A 370 3.43 -19.53 14.45
C ASP A 370 3.38 -19.96 12.99
N LEU A 371 4.47 -19.82 12.26
CA LEU A 371 4.50 -20.35 10.89
C LEU A 371 4.34 -21.88 10.95
N ALA A 372 3.68 -22.44 9.94
CA ALA A 372 3.49 -23.87 9.84
C ALA A 372 4.46 -24.46 8.82
N VAL A 373 5.20 -23.59 8.15
CA VAL A 373 6.30 -23.98 7.25
C VAL A 373 7.52 -23.16 7.55
N PRO A 374 8.70 -23.67 7.23
CA PRO A 374 9.93 -22.87 7.31
C PRO A 374 9.80 -21.56 6.53
N ILE A 375 10.29 -20.46 7.10
CA ILE A 375 10.11 -19.17 6.45
C ILE A 375 10.55 -19.17 5.01
N ASP A 376 11.61 -19.90 4.69
CA ASP A 376 12.10 -19.91 3.31
C ASP A 376 11.10 -20.51 2.32
N GLN A 377 10.11 -21.25 2.81
CA GLN A 377 9.12 -21.90 1.94
C GLN A 377 8.00 -20.97 1.46
N LEU A 378 7.93 -19.76 2.02
CA LEU A 378 6.99 -18.78 1.49
C LEU A 378 7.35 -18.39 0.03
N VAL A 379 6.34 -18.26 -0.80
CA VAL A 379 6.51 -17.98 -2.22
C VAL A 379 6.22 -16.49 -2.43
N TRP A 380 7.23 -15.76 -2.78
CA TRP A 380 7.09 -14.33 -2.89
C TRP A 380 6.68 -13.94 -4.29
N ARG A 381 5.60 -13.18 -4.36
CA ARG A 381 5.08 -12.70 -5.63
C ARG A 381 6.08 -11.80 -6.32
N THR A 382 6.28 -12.06 -7.61
CA THR A 382 7.24 -11.30 -8.41
C THR A 382 6.52 -10.33 -9.36
N ARG A 383 7.28 -9.34 -9.84
CA ARG A 383 6.83 -8.35 -10.79
C ARG A 383 5.49 -7.78 -10.38
N PHE A 384 5.42 -7.44 -9.08
CA PHE A 384 4.21 -6.89 -8.53
C PHE A 384 4.59 -5.65 -7.72
N GLN A 385 3.59 -4.78 -7.50
CA GLN A 385 3.86 -3.49 -6.82
C GLN A 385 3.94 -3.62 -5.30
N ARG A 386 3.57 -4.81 -4.82
CA ARG A 386 3.80 -5.23 -3.43
C ARG A 386 4.62 -6.51 -3.36
N ARG A 387 5.34 -6.68 -2.25
CA ARG A 387 5.98 -7.95 -1.90
C ARG A 387 5.05 -8.65 -0.93
N ILE A 388 4.61 -9.84 -1.30
CA ILE A 388 3.69 -10.61 -0.50
C ILE A 388 3.90 -12.08 -0.77
N PRO A 389 3.67 -12.89 0.27
CA PRO A 389 3.76 -14.32 0.12
C PRO A 389 2.47 -14.77 -0.52
N GLU A 390 2.52 -15.70 -1.48
CA GLU A 390 1.30 -16.17 -2.09
C GLU A 390 0.38 -16.85 -1.09
N ARG A 391 0.95 -17.64 -0.20
CA ARG A 391 0.19 -18.17 0.94
C ARG A 391 0.99 -17.93 2.22
N LEU A 392 0.30 -17.80 3.34
CA LEU A 392 0.99 -17.63 4.63
C LEU A 392 0.50 -18.71 5.61
N PRO A 393 1.07 -19.92 5.53
CA PRO A 393 0.58 -21.03 6.33
C PRO A 393 0.98 -20.93 7.79
N VAL A 394 -0.02 -20.96 8.65
CA VAL A 394 0.21 -20.88 10.10
C VAL A 394 -0.44 -22.00 10.86
N LEU A 395 0.07 -22.22 12.06
CA LEU A 395 -0.60 -23.08 13.01
C LEU A 395 -0.69 -22.29 14.32
N TRP A 396 -1.34 -22.85 15.34
CA TRP A 396 -1.53 -22.10 16.58
C TRP A 396 -1.81 -23.03 17.75
S SO4 B . 6.97 11.22 15.44
O1 SO4 B . 7.38 11.71 16.76
O2 SO4 B . 8.13 10.81 14.73
O3 SO4 B . 5.89 10.25 15.66
O4 SO4 B . 6.30 12.36 14.78
S SO4 C . 16.85 -13.13 -3.09
O1 SO4 C . 17.01 -12.54 -1.77
O2 SO4 C . 17.28 -14.52 -3.07
O3 SO4 C . 15.46 -13.06 -3.53
O4 SO4 C . 17.67 -12.36 -4.03
S SO4 D . 2.32 16.42 -8.94
O1 SO4 D . 3.22 16.76 -10.05
O2 SO4 D . 2.92 16.81 -7.67
O3 SO4 D . 1.10 17.23 -9.15
O4 SO4 D . 1.97 15.03 -9.10
CHA HEM E . -0.81 6.75 -1.46
CHB HEM E . 0.92 3.42 1.54
CHC HEM E . -3.62 2.30 2.82
CHD HEM E . -5.31 4.99 -0.79
C1A HEM E . 0.07 6.01 -0.70
C2A HEM E . 1.50 6.17 -0.66
C3A HEM E . 1.96 5.24 0.16
C4A HEM E . 0.85 4.47 0.65
CMA HEM E . 3.43 5.02 0.50
CAA HEM E . 2.33 7.23 -1.41
CBA HEM E . 2.53 6.90 -2.89
CGA HEM E . 3.39 7.93 -3.58
O1A HEM E . 3.67 9.02 -2.99
O2A HEM E . 3.86 7.67 -4.74
C1B HEM E . -0.16 2.83 2.17
C2B HEM E . -0.10 1.85 3.25
C3B HEM E . -1.37 1.55 3.57
C4B HEM E . -2.26 2.31 2.74
CMB HEM E . 1.19 1.28 3.84
CAB HEM E . -1.94 0.59 4.63
CBB HEM E . -1.17 0.15 5.63
C1C HEM E . -4.49 2.98 2.01
C2C HEM E . -5.93 2.94 2.06
C3C HEM E . -6.39 3.67 1.02
C4C HEM E . -5.24 4.21 0.32
CMC HEM E . -6.75 2.20 3.13
CAC HEM E . -7.80 4.07 0.58
CBC HEM E . -8.95 3.63 1.10
C1D HEM E . -4.27 5.66 -1.36
C2D HEM E . -4.36 6.57 -2.49
C3D HEM E . -2.97 7.11 -2.68
C4D HEM E . -2.16 6.49 -1.66
CMD HEM E . -5.62 6.87 -3.30
CAD HEM E . -2.49 8.10 -3.75
CBD HEM E . -2.21 9.43 -3.09
CGD HEM E . -1.80 10.43 -4.17
O1D HEM E . -1.82 11.64 -3.86
O2D HEM E . -1.50 10.04 -5.32
NA HEM E . -0.30 4.96 0.10
NB HEM E . -1.46 3.07 1.91
NC HEM E . -4.09 3.75 0.94
ND HEM E . -2.98 5.64 -0.90
FE HEM E . -2.21 4.47 0.65
#